data_3O1O
#
_entry.id   3O1O
#
_cell.length_a   41.380
_cell.length_b   75.930
_cell.length_c   51.790
_cell.angle_alpha   90.00
_cell.angle_beta   108.32
_cell.angle_gamma   90.00
#
_symmetry.space_group_name_H-M   'P 1 21 1'
#
loop_
_entity.id
_entity.type
_entity.pdbx_description
1 polymer 'Alpha-ketoglutarate-dependent dioxygenase AlkB'
2 polymer "DNA (5'-D(*T*AP*GP*GP*TP*AP*AP*(MFT)P*AP*CP*CP*GP*T)-3')"
3 polymer "DNA (5'-D(*AP*AP*CP*GP*GP*TP*AP*TP*TP*AP*CP*CP*T)-3')"
4 non-polymer '2-OXOGLUTARIC ACID'
5 non-polymer 'MANGANESE (II) ION'
6 water water
#
loop_
_entity_poly.entity_id
_entity_poly.type
_entity_poly.pdbx_seq_one_letter_code
_entity_poly.pdbx_strand_id
1 'polypeptide(L)'
;MQEPLAAGAVILRRFAFNAAEQLIRDINDVASQSPFRQMVTPGGYTMSVAMTNCGHLGWTTHRQGYLYSPIDPQTNKPWP
AMPQSFHNLCQRAATAAGYPDFQPDACLINRYAPGAKLCLHQDKDEPDLRAPIVSVSLGLPAIFQFGGLKRNDPLKRLLL
EHGDVVVWGGESRLFYHGIQPLKAGFHPLTIDCRYNLTFRQAGKKE
;
A
2 'polydeoxyribonucleotide' (DT)(DA)(DG)(DG)(DT)(DA)(DA)(MFT)(DA)(2YR)(DC)(DG)(DT) B
3 'polydeoxyribonucleotide' (DA)(DA)(DC)(DG)(DG)(DT)(DA)(DT)(DT)(DA)(DC)(DC)(DT) C
#
loop_
_chem_comp.id
_chem_comp.type
_chem_comp.name
_chem_comp.formula
2YR non-polymer '2'-deoxy-N-(2-sulfanylethyl)cytidine 5'-(dihydrogen phosphate)' 'C11 H18 N3 O7 P S'
AKG non-polymer '2-OXOGLUTARIC ACID' 'C5 H6 O5'
DA DNA linking 2'-DEOXYADENOSINE-5'-MONOPHOSPHATE 'C10 H14 N5 O6 P'
DC DNA linking 2'-DEOXYCYTIDINE-5'-MONOPHOSPHATE 'C9 H14 N3 O7 P'
DG DNA linking 2'-DEOXYGUANOSINE-5'-MONOPHOSPHATE 'C10 H14 N5 O7 P'
DT DNA linking THYMIDINE-5'-MONOPHOSPHATE 'C10 H15 N2 O8 P'
MFT DNA linking '3-methylthymidine 5'-(dihydrogen phosphate)' 'C11 H17 N2 O8 P'
MN non-polymer 'MANGANESE (II) ION' 'Mn 2'
#
# COMPACT_ATOMS: atom_id res chain seq x y z
N PRO A 4 -5.91 8.99 18.83
CA PRO A 4 -5.29 8.72 17.52
C PRO A 4 -4.60 7.36 17.45
N LEU A 5 -4.33 6.90 16.24
CA LEU A 5 -3.74 5.57 16.04
C LEU A 5 -2.41 5.35 16.79
N ALA A 6 -1.49 6.30 16.65
CA ALA A 6 -0.20 6.26 17.34
C ALA A 6 0.43 7.64 17.19
N ALA A 7 1.58 7.86 17.83
CA ALA A 7 2.33 9.09 17.60
C ALA A 7 2.69 9.21 16.11
N GLY A 8 2.26 10.28 15.47
CA GLY A 8 2.49 10.49 14.05
C GLY A 8 1.60 9.67 13.12
N ALA A 9 0.63 8.94 13.68
CA ALA A 9 -0.24 8.07 12.86
C ALA A 9 -1.72 8.37 13.05
N VAL A 10 -2.47 8.27 11.96
CA VAL A 10 -3.89 8.55 11.99
C VAL A 10 -4.64 7.70 10.98
N ILE A 11 -5.87 7.35 11.31
CA ILE A 11 -6.79 6.83 10.30
C ILE A 11 -7.81 7.89 9.92
N LEU A 12 -7.96 8.10 8.62
CA LEU A 12 -8.93 9.01 8.05
C LEU A 12 -10.04 8.17 7.43
N ARG A 13 -11.09 7.94 8.19
CA ARG A 13 -12.10 7.00 7.75
C ARG A 13 -12.91 7.55 6.59
N ARG A 14 -13.03 6.74 5.55
CA ARG A 14 -13.75 7.07 4.31
C ARG A 14 -13.20 8.29 3.59
N PHE A 15 -11.95 8.64 3.87
CA PHE A 15 -11.35 9.80 3.23
C PHE A 15 -11.39 9.70 1.71
N ALA A 16 -11.14 8.50 1.19
CA ALA A 16 -11.05 8.30 -0.26
C ALA A 16 -12.33 7.73 -0.87
N PHE A 17 -13.42 7.75 -0.09
CA PHE A 17 -14.71 7.21 -0.58
C PHE A 17 -15.16 7.91 -1.87
N ASN A 18 -15.11 9.23 -1.89
CA ASN A 18 -15.56 9.96 -3.07
C ASN A 18 -14.64 9.75 -4.27
N ALA A 19 -13.35 9.55 -4.01
CA ALA A 19 -12.37 9.41 -5.11
C ALA A 19 -12.30 7.98 -5.64
N ALA A 20 -12.87 7.03 -4.90
CA ALA A 20 -12.65 5.61 -5.14
C ALA A 20 -12.94 5.09 -6.56
N GLU A 21 -14.07 5.48 -7.15
CA GLU A 21 -14.37 5.00 -8.49
C GLU A 21 -13.27 5.37 -9.49
N GLN A 22 -12.82 6.62 -9.46
CA GLN A 22 -11.74 7.05 -10.36
C GLN A 22 -10.45 6.31 -10.03
N LEU A 23 -10.17 6.14 -8.74
CA LEU A 23 -8.98 5.40 -8.33
C LEU A 23 -9.01 4.00 -8.92
N ILE A 24 -10.19 3.39 -8.91
CA ILE A 24 -10.29 2.03 -9.40
C ILE A 24 -10.14 1.94 -10.92
N ARG A 25 -10.72 2.90 -11.65
CA ARG A 25 -10.47 2.95 -13.11
C ARG A 25 -8.97 3.09 -13.34
N ASP A 26 -8.31 3.86 -12.48
CA ASP A 26 -6.87 4.05 -12.65
C ASP A 26 -6.03 2.84 -12.26
N ILE A 27 -6.48 2.07 -11.27
CA ILE A 27 -5.80 0.83 -10.97
C ILE A 27 -5.85 -0.09 -12.20
N ASN A 28 -7.01 -0.17 -12.82
CA ASN A 28 -7.16 -1.03 -14.00
C ASN A 28 -6.26 -0.59 -15.15
N ASP A 29 -6.10 0.73 -15.29
CA ASP A 29 -5.24 1.27 -16.34
C ASP A 29 -3.78 0.93 -16.07
N VAL A 30 -3.35 1.08 -14.82
CA VAL A 30 -1.98 0.72 -14.45
C VAL A 30 -1.70 -0.77 -14.69
N ALA A 31 -2.64 -1.61 -14.26
CA ALA A 31 -2.49 -3.07 -14.41
C ALA A 31 -2.57 -3.53 -15.86
N SER A 32 -3.08 -2.68 -16.74
CA SER A 32 -3.12 -3.05 -18.14
C SER A 32 -1.71 -2.96 -18.72
N GLN A 33 -0.85 -2.19 -18.08
CA GLN A 33 0.50 -2.01 -18.57
C GLN A 33 1.49 -2.85 -17.77
N SER A 34 1.40 -2.75 -16.44
CA SER A 34 2.13 -3.64 -15.54
C SER A 34 1.15 -4.50 -14.76
N PRO A 35 0.93 -5.74 -15.23
CA PRO A 35 -0.14 -6.57 -14.68
C PRO A 35 0.11 -6.94 -13.21
N PHE A 36 -0.94 -7.24 -12.47
CA PHE A 36 -0.76 -7.78 -11.13
C PHE A 36 0.01 -9.08 -11.22
N ARG A 37 0.93 -9.31 -10.29
CA ARG A 37 1.58 -10.58 -10.19
C ARG A 37 1.82 -10.92 -8.73
N GLN A 38 1.71 -12.19 -8.39
CA GLN A 38 2.10 -12.63 -7.05
C GLN A 38 3.59 -12.87 -7.03
N MET A 39 4.29 -12.06 -6.27
CA MET A 39 5.74 -12.17 -6.24
C MET A 39 6.21 -13.34 -5.40
N VAL A 40 7.40 -13.82 -5.72
CA VAL A 40 8.05 -14.90 -5.01
C VAL A 40 9.10 -14.30 -4.08
N THR A 41 9.08 -14.68 -2.81
CA THR A 41 10.06 -14.17 -1.87
C THR A 41 11.46 -14.72 -2.17
N PRO A 42 12.49 -14.09 -1.59
CA PRO A 42 13.82 -14.65 -1.69
C PRO A 42 13.84 -16.11 -1.23
N GLY A 43 13.06 -16.44 -0.20
CA GLY A 43 12.99 -17.79 0.33
C GLY A 43 12.24 -18.81 -0.55
N GLY A 44 11.53 -18.32 -1.57
CA GLY A 44 10.94 -19.20 -2.57
C GLY A 44 9.43 -19.41 -2.47
N TYR A 45 8.78 -18.61 -1.63
CA TYR A 45 7.33 -18.74 -1.40
C TYR A 45 6.57 -17.68 -2.19
N THR A 46 5.48 -18.09 -2.85
CA THR A 46 4.67 -17.15 -3.61
C THR A 46 3.74 -16.39 -2.66
N MET A 47 3.76 -15.07 -2.74
CA MET A 47 2.97 -14.24 -1.83
C MET A 47 1.50 -14.42 -2.19
N SER A 48 0.62 -14.28 -1.20
CA SER A 48 -0.81 -14.42 -1.48
C SER A 48 -1.37 -13.13 -2.09
N VAL A 49 -0.77 -12.00 -1.76
CA VAL A 49 -1.24 -10.72 -2.31
C VAL A 49 -0.71 -10.58 -3.75
N ALA A 50 -1.53 -10.14 -4.70
CA ALA A 50 -1.02 -9.85 -6.05
C ALA A 50 -0.63 -8.38 -6.08
N MET A 51 0.50 -8.05 -6.72
CA MET A 51 1.00 -6.67 -6.70
C MET A 51 1.33 -6.09 -8.07
N THR A 52 1.32 -4.78 -8.13
CA THR A 52 1.95 -4.03 -9.23
C THR A 52 2.34 -2.67 -8.66
N ASN A 53 2.92 -1.80 -9.47
CA ASN A 53 3.37 -0.50 -8.98
C ASN A 53 3.16 0.56 -10.04
N CYS A 54 3.17 1.80 -9.57
CA CYS A 54 3.23 2.92 -10.49
C CYS A 54 4.07 4.01 -9.86
N GLY A 55 4.38 5.02 -10.65
CA GLY A 55 5.34 6.02 -10.22
C GLY A 55 6.74 5.64 -10.65
N HIS A 56 7.71 6.40 -10.16
CA HIS A 56 9.10 6.19 -10.54
CA HIS A 56 9.11 6.18 -10.54
C HIS A 56 9.68 4.88 -10.00
N LEU A 57 9.31 4.51 -8.79
CA LEU A 57 9.86 3.32 -8.15
C LEU A 57 8.80 2.29 -7.71
N GLY A 58 9.06 1.01 -7.96
CA GLY A 58 8.14 -0.07 -7.59
C GLY A 58 8.80 -1.07 -6.65
N TRP A 59 8.09 -1.47 -5.62
CA TRP A 59 8.58 -2.52 -4.74
C TRP A 59 8.55 -3.87 -5.46
N THR A 60 9.65 -4.60 -5.40
CA THR A 60 9.74 -5.94 -6.01
C THR A 60 10.60 -6.83 -5.13
N THR A 61 10.38 -8.13 -5.21
CA THR A 61 11.32 -9.08 -4.67
C THR A 61 12.29 -9.46 -5.77
N HIS A 62 13.44 -9.94 -5.38
CA HIS A 62 14.30 -10.64 -6.30
C HIS A 62 14.93 -11.76 -5.51
N ARG A 63 15.80 -12.52 -6.15
CA ARG A 63 16.42 -13.65 -5.49
C ARG A 63 17.19 -13.26 -4.25
N GLN A 64 17.75 -12.05 -4.22
CA GLN A 64 18.67 -11.75 -3.13
C GLN A 64 18.07 -10.78 -2.12
N GLY A 65 16.79 -10.47 -2.29
CA GLY A 65 16.12 -9.62 -1.33
C GLY A 65 14.97 -8.83 -1.92
N TYR A 66 14.71 -7.67 -1.31
CA TYR A 66 13.71 -6.76 -1.84
C TYR A 66 14.41 -5.60 -2.53
N LEU A 67 13.68 -4.91 -3.39
CA LEU A 67 14.27 -3.80 -4.13
C LEU A 67 13.19 -2.83 -4.61
N TYR A 68 13.41 -1.54 -4.43
CA TYR A 68 12.58 -0.55 -5.13
C TYR A 68 13.30 -0.29 -6.44
N SER A 69 12.67 -0.65 -7.55
N SER A 69 12.64 -0.62 -7.54
CA SER A 69 13.34 -0.51 -8.83
CA SER A 69 13.28 -0.55 -8.84
C SER A 69 12.49 0.33 -9.77
C SER A 69 12.47 0.33 -9.79
N PRO A 70 13.14 1.08 -10.67
CA PRO A 70 12.46 1.90 -11.67
C PRO A 70 11.87 1.07 -12.80
N ILE A 71 12.22 -0.22 -12.86
CA ILE A 71 11.83 -1.07 -14.00
C ILE A 71 11.01 -2.28 -13.51
N ASP A 72 9.90 -2.58 -14.20
CA ASP A 72 9.07 -3.74 -13.91
C ASP A 72 9.82 -4.98 -14.41
N PRO A 73 10.21 -5.88 -13.49
CA PRO A 73 11.07 -6.99 -13.92
C PRO A 73 10.31 -7.98 -14.78
N GLN A 74 8.99 -7.90 -14.74
CA GLN A 74 8.18 -8.77 -15.58
C GLN A 74 8.05 -8.25 -17.01
N THR A 75 7.94 -6.94 -17.19
CA THR A 75 7.77 -6.40 -18.54
C THR A 75 9.07 -5.82 -19.08
N ASN A 76 10.01 -5.55 -18.17
CA ASN A 76 11.27 -4.89 -18.52
C ASN A 76 11.07 -3.48 -19.07
N LYS A 77 9.95 -2.87 -18.67
CA LYS A 77 9.67 -1.48 -18.97
C LYS A 77 9.46 -0.76 -17.64
N PRO A 78 9.59 0.57 -17.66
CA PRO A 78 9.31 1.36 -16.47
C PRO A 78 7.89 1.07 -15.98
N TRP A 79 7.67 1.16 -14.68
CA TRP A 79 6.31 1.10 -14.16
C TRP A 79 5.47 2.22 -14.78
N PRO A 80 4.14 2.02 -14.87
CA PRO A 80 3.34 3.11 -15.40
C PRO A 80 3.47 4.37 -14.53
N ALA A 81 3.36 5.54 -15.14
CA ALA A 81 3.34 6.79 -14.40
C ALA A 81 2.29 6.77 -13.29
N MET A 82 2.57 7.45 -12.18
CA MET A 82 1.55 7.55 -11.14
C MET A 82 0.38 8.39 -11.65
N PRO A 83 -0.83 7.81 -11.64
CA PRO A 83 -2.02 8.52 -12.07
C PRO A 83 -2.21 9.82 -11.28
N GLN A 84 -2.64 10.87 -11.96
CA GLN A 84 -2.91 12.12 -11.25
C GLN A 84 -3.94 11.94 -10.12
N SER A 85 -4.92 11.09 -10.33
CA SER A 85 -5.93 10.80 -9.29
C SER A 85 -5.27 10.27 -8.01
N PHE A 86 -4.31 9.36 -8.19
CA PHE A 86 -3.55 8.78 -7.07
C PHE A 86 -2.77 9.88 -6.39
N HIS A 87 -2.02 10.62 -7.19
CA HIS A 87 -1.14 11.65 -6.63
C HIS A 87 -1.97 12.70 -5.89
N ASN A 88 -3.12 13.08 -6.43
CA ASN A 88 -3.93 14.12 -5.78
C ASN A 88 -4.52 13.62 -4.46
N LEU A 89 -5.06 12.41 -4.46
CA LEU A 89 -5.62 11.84 -3.23
C LEU A 89 -4.55 11.72 -2.14
N CYS A 90 -3.41 11.18 -2.51
CA CYS A 90 -2.30 11.05 -1.59
C CYS A 90 -1.95 12.39 -0.92
N GLN A 91 -1.78 13.42 -1.74
CA GLN A 91 -1.46 14.74 -1.27
C GLN A 91 -2.49 15.31 -0.26
N ARG A 92 -3.77 15.21 -0.61
CA ARG A 92 -4.83 15.61 0.31
C ARG A 92 -4.79 14.82 1.62
N ALA A 93 -4.61 13.51 1.53
CA ALA A 93 -4.63 12.66 2.70
C ALA A 93 -3.46 12.97 3.61
N ALA A 94 -2.29 13.12 3.01
CA ALA A 94 -1.08 13.42 3.76
C ALA A 94 -1.22 14.76 4.46
N THR A 95 -1.79 15.74 3.77
CA THR A 95 -2.00 17.06 4.36
C THR A 95 -2.94 17.00 5.57
N ALA A 96 -4.07 16.31 5.42
CA ALA A 96 -5.05 16.16 6.49
C ALA A 96 -4.43 15.45 7.69
N ALA A 97 -3.47 14.57 7.41
CA ALA A 97 -2.86 13.76 8.44
C ALA A 97 -1.70 14.49 9.09
N GLY A 98 -1.42 15.70 8.63
CA GLY A 98 -0.37 16.52 9.22
C GLY A 98 0.98 16.39 8.55
N TYR A 99 0.97 15.87 7.31
CA TYR A 99 2.19 15.73 6.54
C TYR A 99 2.09 16.50 5.22
N PRO A 100 1.94 17.83 5.29
CA PRO A 100 1.69 18.60 4.09
C PRO A 100 2.80 18.57 3.05
N ASP A 101 4.02 18.21 3.43
CA ASP A 101 5.15 18.30 2.49
C ASP A 101 5.50 16.99 1.75
N PHE A 102 4.75 15.93 2.00
CA PHE A 102 5.00 14.60 1.41
C PHE A 102 4.99 14.59 -0.11
N GLN A 103 6.06 14.08 -0.71
CA GLN A 103 6.14 13.90 -2.17
C GLN A 103 6.44 12.43 -2.52
N PRO A 104 5.40 11.62 -2.79
CA PRO A 104 5.71 10.22 -3.04
C PRO A 104 6.33 10.04 -4.41
N ASP A 105 7.18 9.03 -4.58
CA ASP A 105 7.72 8.69 -5.89
C ASP A 105 7.44 7.24 -6.23
N ALA A 106 6.54 6.62 -5.45
CA ALA A 106 6.31 5.19 -5.55
C ALA A 106 4.91 4.88 -5.06
N CYS A 107 4.15 4.10 -5.83
CA CYS A 107 2.88 3.60 -5.33
C CYS A 107 2.82 2.08 -5.55
N LEU A 108 2.75 1.31 -4.46
CA LEU A 108 2.59 -0.15 -4.53
C LEU A 108 1.10 -0.45 -4.49
N ILE A 109 0.60 -1.15 -5.51
CA ILE A 109 -0.81 -1.52 -5.58
C ILE A 109 -0.99 -2.99 -5.20
N ASN A 110 -1.69 -3.25 -4.09
CA ASN A 110 -1.93 -4.61 -3.59
C ASN A 110 -3.36 -5.07 -3.86
N ARG A 111 -3.52 -6.27 -4.40
CA ARG A 111 -4.84 -6.87 -4.60
C ARG A 111 -5.00 -8.12 -3.72
N TYR A 112 -6.05 -8.11 -2.91
CA TYR A 112 -6.32 -9.21 -1.98
C TYR A 112 -7.54 -9.98 -2.41
N ALA A 113 -7.32 -11.23 -2.80
CA ALA A 113 -8.42 -12.17 -2.96
C ALA A 113 -8.70 -12.80 -1.59
N PRO A 114 -9.85 -13.49 -1.45
CA PRO A 114 -10.12 -14.16 -0.19
C PRO A 114 -8.92 -14.99 0.26
N GLY A 115 -8.58 -14.86 1.53
CA GLY A 115 -7.49 -15.64 2.09
C GLY A 115 -6.15 -14.93 2.05
N ALA A 116 -6.00 -13.93 1.19
CA ALA A 116 -4.74 -13.20 1.10
C ALA A 116 -4.42 -12.38 2.34
N LYS A 117 -3.13 -12.29 2.66
CA LYS A 117 -2.69 -11.72 3.89
C LYS A 117 -1.34 -11.06 3.64
N LEU A 118 -0.91 -10.25 4.60
CA LEU A 118 0.43 -9.71 4.59
C LEU A 118 0.92 -9.80 6.04
N CYS A 119 1.80 -10.77 6.28
CA CYS A 119 2.33 -10.97 7.61
C CYS A 119 3.05 -9.73 8.12
N LEU A 120 3.04 -9.56 9.44
CA LEU A 120 3.60 -8.40 10.12
C LEU A 120 4.97 -8.07 9.55
N HIS A 121 5.15 -6.81 9.17
CA HIS A 121 6.41 -6.36 8.61
C HIS A 121 6.56 -4.86 8.87
N GLN A 122 7.75 -4.35 8.58
CA GLN A 122 8.02 -2.92 8.71
C GLN A 122 8.37 -2.38 7.35
N ASP A 123 7.92 -1.17 7.05
CA ASP A 123 8.40 -0.46 5.89
C ASP A 123 9.63 0.29 6.33
N LYS A 124 10.80 -0.13 5.92
CA LYS A 124 11.96 0.52 6.49
C LYS A 124 13.15 0.47 5.57
N ASP A 125 12.90 0.13 4.31
CA ASP A 125 13.98 0.03 3.34
C ASP A 125 14.00 1.23 2.40
N GLU A 126 13.17 2.23 2.69
CA GLU A 126 13.26 3.52 2.03
C GLU A 126 14.41 4.32 2.67
N PRO A 127 15.31 4.86 1.84
CA PRO A 127 16.50 5.62 2.29
C PRO A 127 16.16 6.84 3.14
N ASP A 128 15.03 7.49 2.85
CA ASP A 128 14.63 8.66 3.64
C ASP A 128 13.38 8.41 4.51
N LEU A 129 13.61 7.91 5.72
CA LEU A 129 12.52 7.55 6.66
C LEU A 129 11.78 8.75 7.25
N ARG A 130 12.20 9.96 6.90
CA ARG A 130 11.49 11.15 7.33
C ARG A 130 10.05 11.22 6.76
N ALA A 131 9.82 10.55 5.63
CA ALA A 131 8.55 10.66 4.93
C ALA A 131 7.54 9.62 5.38
N PRO A 132 6.27 10.01 5.45
CA PRO A 132 5.23 9.07 5.91
C PRO A 132 4.89 8.01 4.88
N ILE A 133 4.09 7.05 5.32
CA ILE A 133 3.45 6.09 4.44
C ILE A 133 1.98 6.51 4.39
N VAL A 134 1.41 6.53 3.19
CA VAL A 134 -0.01 6.80 3.02
C VAL A 134 -0.62 5.57 2.37
N SER A 135 -1.59 4.98 3.05
CA SER A 135 -2.11 3.66 2.70
C SER A 135 -3.63 3.74 2.53
N VAL A 136 -4.10 3.54 1.29
CA VAL A 136 -5.52 3.70 0.92
C VAL A 136 -6.26 2.37 0.66
N SER A 137 -7.37 2.12 1.37
CA SER A 137 -8.09 0.86 1.28
C SER A 137 -9.25 1.01 0.34
N LEU A 138 -9.47 0.01 -0.50
CA LEU A 138 -10.60 0.01 -1.43
C LEU A 138 -11.23 -1.37 -1.52
N GLY A 139 -12.56 -1.42 -1.59
CA GLY A 139 -13.23 -2.70 -1.76
C GLY A 139 -13.55 -3.39 -0.44
N LEU A 140 -13.33 -4.70 -0.40
CA LEU A 140 -13.71 -5.53 0.75
C LEU A 140 -12.94 -5.12 2.01
N PRO A 141 -13.57 -5.32 3.19
CA PRO A 141 -12.94 -4.90 4.44
C PRO A 141 -11.84 -5.83 4.90
N ALA A 142 -10.83 -5.29 5.58
CA ALA A 142 -9.75 -6.13 6.06
C ALA A 142 -9.35 -5.74 7.48
N ILE A 143 -8.84 -6.71 8.25
CA ILE A 143 -8.29 -6.37 9.56
C ILE A 143 -6.82 -6.01 9.46
N PHE A 144 -6.54 -4.76 9.79
CA PHE A 144 -5.20 -4.20 9.75
C PHE A 144 -4.62 -4.31 11.14
N GLN A 145 -3.39 -4.83 11.22
CA GLN A 145 -2.66 -4.94 12.46
C GLN A 145 -1.68 -3.78 12.51
N PHE A 146 -1.57 -3.13 13.67
CA PHE A 146 -0.61 -2.05 13.80
C PHE A 146 0.00 -2.11 15.19
N GLY A 147 1.31 -2.35 15.24
CA GLY A 147 1.99 -2.57 16.51
C GLY A 147 2.97 -1.47 16.86
N GLY A 148 4.22 -1.85 17.08
CA GLY A 148 5.24 -0.90 17.53
C GLY A 148 6.57 -1.21 16.89
N LEU A 149 7.65 -0.72 17.49
CA LEU A 149 8.99 -0.88 16.93
C LEU A 149 9.48 -2.32 16.99
N LYS A 150 8.91 -3.11 17.90
CA LYS A 150 9.33 -4.49 18.02
C LYS A 150 8.20 -5.44 17.61
N ARG A 151 8.58 -6.57 17.04
CA ARG A 151 7.60 -7.44 16.45
C ARG A 151 6.58 -7.94 17.48
N ASN A 152 7.01 -8.06 18.72
CA ASN A 152 6.13 -8.57 19.78
C ASN A 152 5.44 -7.47 20.58
N ASP A 153 5.62 -6.21 20.20
CA ASP A 153 4.85 -5.13 20.82
C ASP A 153 3.36 -5.41 20.56
N PRO A 154 2.50 -5.10 21.55
CA PRO A 154 1.07 -5.39 21.42
C PRO A 154 0.47 -4.79 20.16
N LEU A 155 -0.41 -5.54 19.50
CA LEU A 155 -1.01 -5.09 18.26
C LEU A 155 -2.35 -4.41 18.49
N LYS A 156 -2.61 -3.35 17.73
CA LYS A 156 -3.96 -2.84 17.62
C LYS A 156 -4.52 -3.52 16.39
N ARG A 157 -5.80 -3.86 16.43
CA ARG A 157 -6.43 -4.46 15.26
C ARG A 157 -7.56 -3.56 14.85
N LEU A 158 -7.50 -3.07 13.61
CA LEU A 158 -8.48 -2.12 13.12
C LEU A 158 -9.05 -2.60 11.80
N LEU A 159 -10.37 -2.65 11.74
CA LEU A 159 -11.05 -2.92 10.51
C LEU A 159 -10.84 -1.73 9.57
N LEU A 160 -10.38 -2.00 8.35
CA LEU A 160 -10.21 -0.95 7.34
C LEU A 160 -11.27 -1.22 6.28
N GLU A 161 -12.09 -0.22 6.03
CA GLU A 161 -13.18 -0.34 5.10
C GLU A 161 -12.93 0.51 3.86
N HIS A 162 -13.74 0.30 2.84
CA HIS A 162 -13.61 1.00 1.56
C HIS A 162 -13.44 2.52 1.76
N GLY A 163 -12.32 3.06 1.27
CA GLY A 163 -12.12 4.52 1.30
C GLY A 163 -11.31 4.99 2.49
N ASP A 164 -11.09 4.11 3.47
CA ASP A 164 -10.29 4.46 4.63
C ASP A 164 -8.84 4.69 4.23
N VAL A 165 -8.23 5.71 4.82
CA VAL A 165 -6.82 5.99 4.54
C VAL A 165 -6.08 6.01 5.85
N VAL A 166 -4.97 5.30 5.86
CA VAL A 166 -4.14 5.26 7.06
C VAL A 166 -2.80 5.90 6.75
N VAL A 167 -2.31 6.74 7.65
CA VAL A 167 -1.04 7.43 7.46
C VAL A 167 -0.18 7.23 8.68
N TRP A 168 1.05 6.80 8.47
CA TRP A 168 1.98 6.76 9.60
C TRP A 168 3.33 7.35 9.22
N GLY A 169 3.99 7.95 10.21
CA GLY A 169 5.26 8.60 9.97
C GLY A 169 5.81 9.08 11.29
N GLY A 170 6.92 9.81 11.24
CA GLY A 170 7.56 10.29 12.46
C GLY A 170 7.80 9.12 13.39
N GLU A 171 7.36 9.26 14.65
CA GLU A 171 7.64 8.25 15.66
C GLU A 171 7.15 6.86 15.30
N SER A 172 6.09 6.78 14.51
CA SER A 172 5.49 5.49 14.19
C SER A 172 5.90 4.99 12.81
N ARG A 173 6.80 5.70 12.13
CA ARG A 173 7.16 5.36 10.76
C ARG A 173 7.62 3.90 10.59
N LEU A 174 8.33 3.37 11.58
CA LEU A 174 8.94 2.04 11.48
C LEU A 174 8.15 0.95 12.21
N PHE A 175 6.92 1.26 12.60
CA PHE A 175 6.09 0.28 13.31
C PHE A 175 5.70 -0.93 12.44
N TYR A 176 5.65 -2.10 13.07
CA TYR A 176 5.20 -3.30 12.41
C TYR A 176 3.71 -3.19 12.15
N HIS A 177 3.27 -3.76 11.03
CA HIS A 177 1.88 -3.70 10.64
C HIS A 177 1.65 -4.85 9.67
N GLY A 178 0.39 -5.16 9.36
CA GLY A 178 0.09 -6.29 8.51
C GLY A 178 -1.40 -6.37 8.28
N ILE A 179 -1.78 -7.30 7.44
CA ILE A 179 -3.17 -7.56 7.09
C ILE A 179 -3.51 -9.04 7.37
N GLN A 180 -4.59 -9.27 8.12
CA GLN A 180 -5.02 -10.66 8.40
C GLN A 180 -5.75 -11.21 7.18
N PRO A 181 -5.76 -12.56 7.01
CA PRO A 181 -6.33 -13.17 5.81
C PRO A 181 -7.71 -12.60 5.49
N LEU A 182 -7.90 -12.17 4.24
CA LEU A 182 -9.13 -11.52 3.81
C LEU A 182 -10.34 -12.44 3.81
N LYS A 183 -11.43 -11.97 4.41
CA LYS A 183 -12.69 -12.67 4.39
CA LYS A 183 -12.67 -12.74 4.35
C LYS A 183 -13.40 -12.54 3.03
N ALA A 184 -14.01 -13.60 2.55
CA ALA A 184 -14.73 -13.50 1.29
C ALA A 184 -15.90 -12.56 1.48
N GLY A 185 -16.32 -11.91 0.40
CA GLY A 185 -17.49 -11.06 0.48
C GLY A 185 -17.76 -10.40 -0.84
N PHE A 186 -18.70 -9.46 -0.83
CA PHE A 186 -19.03 -8.72 -2.04
C PHE A 186 -18.84 -7.23 -1.79
N HIS A 187 -18.31 -6.55 -2.79
CA HIS A 187 -18.32 -5.09 -2.83
C HIS A 187 -18.75 -4.59 -4.21
N PRO A 188 -19.66 -3.60 -4.26
CA PRO A 188 -20.18 -3.09 -5.52
C PRO A 188 -19.08 -2.60 -6.48
N LEU A 189 -17.99 -2.04 -5.94
CA LEU A 189 -16.95 -1.46 -6.80
C LEU A 189 -15.85 -2.45 -7.21
N THR A 190 -15.45 -3.33 -6.30
CA THR A 190 -14.38 -4.28 -6.62
C THR A 190 -14.89 -5.72 -6.80
N ILE A 191 -16.18 -5.93 -6.57
CA ILE A 191 -16.80 -7.25 -6.70
C ILE A 191 -16.37 -8.24 -5.62
N ASP A 192 -15.15 -8.75 -5.72
CA ASP A 192 -14.75 -9.84 -4.86
C ASP A 192 -13.35 -9.69 -4.30
N CYS A 193 -12.82 -8.47 -4.28
CA CYS A 193 -11.47 -8.28 -3.72
C CYS A 193 -11.30 -6.97 -2.94
N ARG A 194 -10.15 -6.86 -2.28
CA ARG A 194 -9.71 -5.62 -1.69
C ARG A 194 -8.48 -5.12 -2.45
N TYR A 195 -8.41 -3.81 -2.67
CA TYR A 195 -7.17 -3.19 -3.14
C TYR A 195 -6.64 -2.27 -2.07
N ASN A 196 -5.32 -2.13 -2.06
CA ASN A 196 -4.68 -1.12 -1.23
C ASN A 196 -3.64 -0.36 -2.06
N LEU A 197 -3.59 0.95 -1.90
CA LEU A 197 -2.57 1.76 -2.53
C LEU A 197 -1.66 2.24 -1.45
N THR A 198 -0.39 1.89 -1.58
CA THR A 198 0.62 2.33 -0.63
C THR A 198 1.63 3.30 -1.25
N PHE A 199 1.59 4.55 -0.81
CA PHE A 199 2.43 5.64 -1.36
C PHE A 199 3.65 5.86 -0.48
N ARG A 200 4.81 5.92 -1.10
CA ARG A 200 6.03 6.13 -0.34
C ARG A 200 6.94 7.12 -1.05
N GLN A 201 7.86 7.70 -0.30
CA GLN A 201 8.99 8.30 -0.96
C GLN A 201 10.10 7.27 -0.85
N ALA A 202 10.39 6.57 -1.93
CA ALA A 202 11.27 5.42 -1.89
C ALA A 202 12.69 5.74 -2.33
N GLY A 203 12.87 6.90 -2.96
CA GLY A 203 14.20 7.32 -3.39
C GLY A 203 14.54 8.67 -2.81
N LYS A 204 15.67 9.21 -3.20
CA LYS A 204 16.02 10.56 -2.77
C LYS A 204 15.26 11.61 -3.59
P MFT B 8 9.24 -9.69 6.13
N1 MFT B 8 6.44 -7.50 2.68
C2 MFT B 8 5.86 -6.55 1.81
O2 MFT B 8 4.85 -6.86 1.12
N3 MFT B 8 6.37 -5.31 1.70
C4 MFT B 8 7.44 -4.96 2.43
O4 MFT B 8 7.93 -3.82 2.36
C5 MFT B 8 8.06 -5.92 3.36
C6 MFT B 8 7.50 -7.18 3.44
C1' MFT B 8 5.81 -8.81 2.82
O1P MFT B 8 10.25 -9.17 5.12
C2' MFT B 8 6.65 -10.03 2.53
C21 MFT B 8 5.78 -4.33 0.77
O2P MFT B 8 8.81 -8.80 7.24
C3' MFT B 8 6.02 -11.06 3.45
O3' MFT B 8 4.82 -11.43 2.76
C4' MFT B 8 5.62 -10.26 4.68
O4' MFT B 8 5.47 -8.92 4.21
C5' MFT B 8 6.66 -10.32 5.79
O5' MFT B 8 7.96 -10.13 5.24
C5M MFT B 8 9.26 -5.51 4.17
P 2YR B 10 3.56 -18.38 3.35
OP1 2YR B 10 2.98 -18.94 2.12
OP2 2YR B 10 2.75 -17.56 4.27
O5' 2YR B 10 4.23 -19.54 4.26
C5' 2YR B 10 5.21 -20.40 3.69
C4' 2YR B 10 5.74 -21.29 4.77
O4' 2YR B 10 6.36 -20.46 5.80
C3' 2YR B 10 4.67 -22.13 5.45
O3' 2YR B 10 5.23 -23.41 5.51
C2' 2YR B 10 4.49 -21.49 6.83
C1' 2YR B 10 5.83 -20.78 7.07
N1 2YR B 10 5.59 -19.54 7.89
C2 2YR B 10 6.17 -19.42 9.17
O2 2YR B 10 6.88 -20.32 9.62
N3 2YR B 10 5.91 -18.31 9.90
C4 2YR B 10 5.14 -17.34 9.44
N4 2YR B 10 4.97 -16.28 10.26
C5 2YR B 10 4.54 -17.42 8.13
C6 2YR B 10 4.78 -18.53 7.41
S 2YR B 10 1.66 -14.12 9.23
C8 2YR B 10 2.63 -15.43 10.00
C9 2YR B 10 4.12 -15.11 9.92
C1 AKG D . 2.26 -2.60 2.17
O1 AKG D . 1.88 -2.55 0.96
O2 AKG D . 3.46 -2.50 2.51
C2 AKG D . 1.21 -2.80 3.17
O5 AKG D . 1.50 -2.86 4.34
C3 AKG D . -0.22 -2.95 2.71
C4 AKG D . -1.16 -2.73 3.90
C5 AKG D . -2.61 -2.84 3.46
O3 AKG D . -2.89 -3.55 2.47
O4 AKG D . -3.48 -2.20 4.10
MN MN E . 3.79 -2.35 4.72
#